data_3TQC
#
_entry.id   3TQC
#
_cell.length_a   63.214
_cell.length_b   94.698
_cell.length_c   75.398
_cell.angle_alpha   90.00
_cell.angle_beta   106.40
_cell.angle_gamma   90.00
#
_symmetry.space_group_name_H-M   'P 1 21 1'
#
loop_
_entity.id
_entity.type
_entity.pdbx_description
1 polymer 'Pantothenate kinase'
2 non-polymer "ADENOSINE-5'-DIPHOSPHATE"
3 water water
#
_entity_poly.entity_id   1
_entity_poly.type   'polypeptide(L)'
_entity_poly.pdbx_seq_one_letter_code
;SNAMTVKPELNEITPYLQFNRQQWGNFRKDTPLTLTESDLDKLQGQIEIVSLKEVTEIYLPLSRLLSFYVTARQTLQQAT
YQFLGKPEPKVPYIIGIAGSVAVGKSTTSRVLKALLSRWPDHPNVEVITTDGFLYSNAKLEKQGLMKRKGFPESYDMPSL
LRVLNAIKSGQRNVRIPVYSHHYYDIVRGQYEIVDQPDIVILEGLNILQTGVRKTLQQLQVFVSDFFDFSLFVDAQAQVI
QKWYIDRVLSFWRTTFKDPHSYFHYLTQMSETEVAAFAKHVWNEINKVNLMENILPYKNRAQLILEKAADHSIQKVYLRK
I
;
_entity_poly.pdbx_strand_id   A,B
#
loop_
_chem_comp.id
_chem_comp.type
_chem_comp.name
_chem_comp.formula
ADP non-polymer ADENOSINE-5'-DIPHOSPHATE 'C10 H15 N5 O10 P2'
#
# COMPACT_ATOMS: atom_id res chain seq x y z
N ILE A 13 20.81 8.86 -0.86
CA ILE A 13 19.56 8.77 -0.04
C ILE A 13 18.67 7.65 -0.54
N THR A 14 18.30 6.75 0.34
CA THR A 14 17.59 5.55 -0.06
C THR A 14 16.68 5.00 1.03
N PRO A 15 15.47 4.57 0.65
CA PRO A 15 14.54 4.08 1.63
C PRO A 15 14.75 2.59 1.94
N TYR A 16 15.80 2.02 1.36
CA TYR A 16 16.12 0.60 1.50
C TYR A 16 17.44 0.38 2.22
N LEU A 17 17.40 -0.54 3.19
CA LEU A 17 18.60 -1.20 3.69
C LEU A 17 19.16 -2.04 2.55
N GLN A 18 20.48 -2.13 2.46
CA GLN A 18 21.10 -2.77 1.33
C GLN A 18 22.11 -3.79 1.81
N PHE A 19 22.00 -5.02 1.31
CA PHE A 19 22.93 -6.11 1.65
C PHE A 19 23.51 -6.77 0.42
N ASN A 20 24.83 -6.89 0.36
CA ASN A 20 25.41 -7.87 -0.54
C ASN A 20 25.36 -9.21 0.16
N ARG A 21 25.81 -10.24 -0.54
CA ARG A 21 25.73 -11.60 -0.05
C ARG A 21 26.45 -11.81 1.29
N GLN A 22 27.66 -11.28 1.43
CA GLN A 22 28.39 -11.41 2.68
C GLN A 22 27.64 -10.73 3.84
N GLN A 23 27.07 -9.56 3.56
CA GLN A 23 26.34 -8.81 4.58
C GLN A 23 25.06 -9.53 4.98
N TRP A 24 24.43 -10.18 4.01
CA TRP A 24 23.28 -11.01 4.31
C TRP A 24 23.69 -12.17 5.25
N GLY A 25 24.89 -12.71 5.07
CA GLY A 25 25.43 -13.75 5.95
C GLY A 25 25.72 -13.38 7.41
N ASN A 26 25.54 -12.11 7.79
CA ASN A 26 25.46 -11.73 9.21
C ASN A 26 23.99 -11.63 9.65
N LEU A 33 20.59 -20.84 13.50
CA LEU A 33 19.82 -21.15 12.29
C LEU A 33 20.43 -22.30 11.49
N THR A 34 19.67 -23.37 11.29
CA THR A 34 20.16 -24.55 10.59
C THR A 34 19.01 -25.39 10.04
N LEU A 35 19.16 -25.90 8.81
CA LEU A 35 18.13 -26.76 8.21
C LEU A 35 18.01 -28.10 8.95
N THR A 36 16.77 -28.49 9.22
CA THR A 36 16.46 -29.76 9.87
C THR A 36 16.00 -30.75 8.81
N GLU A 37 15.90 -32.03 9.19
CA GLU A 37 15.36 -33.06 8.30
C GLU A 37 13.98 -32.64 7.76
N SER A 38 13.18 -32.06 8.67
CA SER A 38 11.88 -31.50 8.36
C SER A 38 11.93 -30.50 7.19
N ASP A 39 12.84 -29.52 7.28
CA ASP A 39 13.01 -28.53 6.21
C ASP A 39 13.35 -29.21 4.90
N LEU A 40 14.31 -30.12 4.96
CA LEU A 40 14.78 -30.81 3.77
C LEU A 40 13.63 -31.58 3.11
N ASP A 41 12.84 -32.26 3.93
CA ASP A 41 11.66 -32.97 3.46
C ASP A 41 10.66 -32.03 2.77
N LYS A 42 10.31 -30.92 3.41
CA LYS A 42 9.36 -29.98 2.83
C LYS A 42 9.94 -29.28 1.59
N LEU A 43 11.27 -29.28 1.47
CA LEU A 43 11.96 -28.63 0.35
C LEU A 43 12.22 -29.59 -0.83
N GLN A 44 11.80 -30.85 -0.70
CA GLN A 44 12.02 -31.88 -1.73
C GLN A 44 11.67 -31.43 -3.14
N GLY A 45 12.57 -31.72 -4.08
CA GLY A 45 12.40 -31.35 -5.47
C GLY A 45 12.69 -29.88 -5.72
N GLN A 46 12.82 -29.10 -4.65
CA GLN A 46 13.13 -27.68 -4.74
C GLN A 46 14.61 -27.45 -4.39
N ILE A 47 15.13 -28.21 -3.43
CA ILE A 47 16.55 -28.20 -3.07
C ILE A 47 17.44 -28.51 -4.28
N GLU A 48 17.05 -29.49 -5.09
CA GLU A 48 17.79 -29.81 -6.31
C GLU A 48 17.88 -28.60 -7.26
N ILE A 49 16.79 -27.84 -7.34
CA ILE A 49 16.74 -26.68 -8.22
C ILE A 49 17.50 -25.50 -7.62
N VAL A 50 17.22 -25.17 -6.37
CA VAL A 50 17.77 -23.98 -5.74
C VAL A 50 19.17 -24.17 -5.12
N SER A 51 19.45 -25.39 -4.64
CA SER A 51 20.74 -25.75 -4.02
C SER A 51 20.73 -25.53 -2.51
N LEU A 52 21.36 -26.46 -1.81
CA LEU A 52 21.48 -26.43 -0.36
C LEU A 52 22.16 -25.16 0.14
N LYS A 53 23.19 -24.75 -0.59
CA LYS A 53 23.93 -23.54 -0.27
C LYS A 53 23.01 -22.34 -0.24
N GLU A 54 22.24 -22.20 -1.30
CA GLU A 54 21.41 -21.04 -1.48
C GLU A 54 20.24 -21.03 -0.49
N VAL A 55 19.66 -22.19 -0.25
CA VAL A 55 18.58 -22.30 0.72
C VAL A 55 19.12 -21.96 2.09
N THR A 56 20.29 -22.50 2.40
CA THR A 56 20.86 -22.30 3.71
C THR A 56 21.26 -20.85 3.95
N GLU A 57 21.95 -20.24 2.97
CA GLU A 57 22.54 -18.91 3.17
C GLU A 57 21.60 -17.75 2.87
N ILE A 58 20.57 -17.97 2.06
CA ILE A 58 19.66 -16.91 1.67
C ILE A 58 18.24 -17.08 2.17
N TYR A 59 17.56 -18.13 1.75
CA TYR A 59 16.14 -18.27 2.06
C TYR A 59 15.87 -18.62 3.52
N LEU A 60 16.78 -19.32 4.17
CA LEU A 60 16.56 -19.64 5.57
C LEU A 60 16.59 -18.34 6.39
N PRO A 61 17.63 -17.51 6.21
CA PRO A 61 17.62 -16.23 6.92
C PRO A 61 16.49 -15.29 6.50
N LEU A 62 16.16 -15.30 5.21
CA LEU A 62 15.02 -14.56 4.69
C LEU A 62 13.77 -14.98 5.41
N SER A 63 13.56 -16.29 5.52
CA SER A 63 12.41 -16.79 6.21
C SER A 63 12.40 -16.31 7.65
N ARG A 64 13.55 -16.24 8.30
CA ARG A 64 13.61 -15.78 9.69
C ARG A 64 13.21 -14.33 9.74
N LEU A 65 13.76 -13.52 8.83
CA LEU A 65 13.43 -12.10 8.77
C LEU A 65 11.94 -11.92 8.59
N LEU A 66 11.35 -12.68 7.68
CA LEU A 66 9.92 -12.53 7.42
C LEU A 66 9.12 -12.94 8.63
N SER A 67 9.59 -13.96 9.35
CA SER A 67 8.95 -14.37 10.58
C SER A 67 8.92 -13.25 11.64
N PHE A 68 9.98 -12.47 11.77
CA PHE A 68 9.93 -11.30 12.65
C PHE A 68 8.69 -10.44 12.31
N TYR A 69 8.44 -10.20 11.02
CA TYR A 69 7.28 -9.39 10.57
C TYR A 69 5.94 -10.07 10.89
N VAL A 70 5.84 -11.35 10.55
CA VAL A 70 4.59 -12.06 10.79
C VAL A 70 4.30 -12.11 12.28
N THR A 71 5.31 -12.43 13.06
CA THR A 71 5.17 -12.52 14.51
C THR A 71 4.86 -11.15 15.14
N ALA A 72 5.54 -10.11 14.68
CA ALA A 72 5.20 -8.76 15.12
C ALA A 72 3.70 -8.45 14.88
N ARG A 73 3.20 -8.83 13.70
CA ARG A 73 1.80 -8.56 13.35
C ARG A 73 0.86 -9.34 14.25
N GLN A 74 1.21 -10.59 14.54
CA GLN A 74 0.44 -11.39 15.45
C GLN A 74 0.39 -10.75 16.85
N THR A 75 1.51 -10.29 17.33
CA THR A 75 1.56 -9.63 18.62
C THR A 75 0.72 -8.35 18.61
N LEU A 76 0.81 -7.57 17.54
CA LEU A 76 0.03 -6.35 17.45
C LEU A 76 -1.48 -6.67 17.44
N GLN A 77 -1.87 -7.69 16.68
CA GLN A 77 -3.25 -8.09 16.60
C GLN A 77 -3.76 -8.42 17.98
N GLN A 78 -2.99 -9.17 18.74
CA GLN A 78 -3.41 -9.56 20.08
C GLN A 78 -3.49 -8.34 21.04
N ALA A 79 -2.49 -7.46 20.99
CA ALA A 79 -2.49 -6.28 21.87
C ALA A 79 -3.61 -5.31 21.49
N THR A 80 -3.86 -5.10 20.20
CA THR A 80 -4.87 -4.12 19.80
C THR A 80 -6.29 -4.63 20.00
N TYR A 81 -6.52 -5.89 19.64
CA TYR A 81 -7.84 -6.51 19.84
C TYR A 81 -8.21 -6.61 21.31
N GLN A 82 -7.22 -6.84 22.18
CA GLN A 82 -7.48 -6.79 23.61
C GLN A 82 -7.91 -5.36 23.96
N PHE A 83 -7.12 -4.38 23.52
CA PHE A 83 -7.43 -2.98 23.78
C PHE A 83 -8.80 -2.61 23.25
N LEU A 84 -9.07 -2.96 21.99
CA LEU A 84 -10.35 -2.61 21.36
C LEU A 84 -11.50 -3.51 21.80
N GLY A 85 -11.23 -4.51 22.63
CA GLY A 85 -12.27 -5.39 23.13
C GLY A 85 -12.96 -6.14 21.99
N LYS A 86 -12.19 -6.55 21.00
CA LYS A 86 -12.72 -7.38 19.91
C LYS A 86 -12.23 -8.81 20.07
N PRO A 87 -13.15 -9.78 20.03
CA PRO A 87 -12.79 -11.17 20.24
C PRO A 87 -12.40 -11.85 18.93
N GLU A 88 -12.50 -11.11 17.84
CA GLU A 88 -12.36 -11.65 16.52
C GLU A 88 -10.94 -12.18 16.29
N PRO A 89 -10.82 -13.34 15.62
CA PRO A 89 -9.50 -13.93 15.44
C PRO A 89 -8.71 -13.18 14.40
N LYS A 90 -7.40 -13.34 14.44
CA LYS A 90 -6.54 -12.75 13.44
C LYS A 90 -6.91 -13.20 12.04
N VAL A 91 -6.49 -12.43 11.06
CA VAL A 91 -6.53 -12.82 9.67
C VAL A 91 -5.07 -13.11 9.25
N PRO A 92 -4.86 -13.75 8.10
CA PRO A 92 -3.53 -14.10 7.67
C PRO A 92 -2.64 -12.92 7.28
N TYR A 93 -1.37 -13.11 7.53
CA TYR A 93 -0.33 -12.22 7.06
C TYR A 93 -0.03 -12.67 5.65
N ILE A 94 -0.13 -11.76 4.70
CA ILE A 94 0.00 -12.13 3.31
C ILE A 94 1.26 -11.51 2.78
N ILE A 95 2.11 -12.34 2.19
CA ILE A 95 3.37 -11.91 1.66
C ILE A 95 3.27 -12.02 0.14
N GLY A 96 3.48 -10.91 -0.55
CA GLY A 96 3.42 -10.90 -1.99
C GLY A 96 4.75 -11.20 -2.64
N ILE A 97 4.75 -12.03 -3.67
CA ILE A 97 5.95 -12.27 -4.44
C ILE A 97 5.72 -11.86 -5.91
N ALA A 98 6.48 -10.89 -6.34
CA ALA A 98 6.31 -10.33 -7.67
C ALA A 98 7.59 -10.45 -8.45
N GLY A 99 7.47 -10.25 -9.77
CA GLY A 99 8.60 -10.29 -10.68
C GLY A 99 8.20 -10.81 -12.04
N SER A 100 9.12 -10.72 -12.99
CA SER A 100 8.90 -11.18 -14.35
C SER A 100 8.48 -12.62 -14.41
N VAL A 101 7.84 -13.00 -15.51
CA VAL A 101 7.68 -14.40 -15.86
C VAL A 101 9.08 -15.02 -15.88
N ALA A 102 9.23 -16.20 -15.27
CA ALA A 102 10.46 -16.98 -15.30
C ALA A 102 11.60 -16.43 -14.39
N VAL A 103 11.31 -15.45 -13.55
CA VAL A 103 12.33 -14.89 -12.70
C VAL A 103 12.53 -15.76 -11.45
N GLY A 104 11.56 -16.63 -11.19
CA GLY A 104 11.64 -17.54 -10.05
C GLY A 104 10.64 -17.30 -8.95
N LYS A 105 9.55 -16.61 -9.26
CA LYS A 105 8.50 -16.35 -8.27
C LYS A 105 8.00 -17.64 -7.63
N SER A 106 7.61 -18.59 -8.46
CA SER A 106 7.04 -19.83 -7.98
C SER A 106 8.04 -20.61 -7.12
N THR A 107 9.29 -20.66 -7.57
CA THR A 107 10.32 -21.36 -6.83
C THR A 107 10.53 -20.71 -5.48
N THR A 108 10.60 -19.40 -5.47
CA THR A 108 10.83 -18.65 -4.23
C THR A 108 9.67 -18.87 -3.28
N SER A 109 8.45 -18.85 -3.83
CA SER A 109 7.25 -19.05 -3.02
C SER A 109 7.22 -20.46 -2.42
N ARG A 110 7.72 -21.46 -3.13
CA ARG A 110 7.72 -22.82 -2.58
C ARG A 110 8.77 -22.96 -1.51
N VAL A 111 9.91 -22.34 -1.70
CA VAL A 111 10.99 -22.42 -0.71
C VAL A 111 10.56 -21.75 0.59
N LEU A 112 9.99 -20.57 0.47
CA LEU A 112 9.57 -19.79 1.61
C LEU A 112 8.37 -20.43 2.32
N LYS A 113 7.49 -21.07 1.57
CA LYS A 113 6.36 -21.80 2.15
C LYS A 113 6.89 -22.92 3.03
N ALA A 114 7.83 -23.71 2.51
CA ALA A 114 8.46 -24.73 3.34
C ALA A 114 9.19 -24.12 4.57
N LEU A 115 9.97 -23.09 4.37
CA LEU A 115 10.77 -22.54 5.48
C LEU A 115 9.93 -21.75 6.49
N LEU A 116 8.99 -20.95 6.03
CA LEU A 116 8.21 -20.16 6.97
C LEU A 116 7.39 -21.03 7.90
N SER A 117 7.10 -22.26 7.47
CA SER A 117 6.23 -23.13 8.22
C SER A 117 6.96 -23.84 9.36
N ARG A 118 8.30 -23.75 9.40
CA ARG A 118 9.09 -24.35 10.49
C ARG A 118 8.94 -23.58 11.82
N TRP A 119 8.45 -22.34 11.75
CA TRP A 119 8.34 -21.50 12.93
C TRP A 119 6.97 -21.72 13.59
N PRO A 120 6.97 -22.01 14.91
CA PRO A 120 5.74 -22.44 15.54
C PRO A 120 4.63 -21.39 15.64
N ASP A 121 4.96 -20.10 15.50
CA ASP A 121 3.93 -19.05 15.50
C ASP A 121 3.18 -18.93 14.16
N HIS A 122 3.68 -19.60 13.13
CA HIS A 122 3.00 -19.61 11.83
C HIS A 122 3.30 -20.85 11.01
N PRO A 123 2.84 -22.00 11.50
CA PRO A 123 3.10 -23.23 10.78
C PRO A 123 2.26 -23.41 9.52
N ASN A 124 1.07 -22.79 9.46
CA ASN A 124 0.13 -23.03 8.35
C ASN A 124 0.45 -21.99 7.30
N VAL A 125 1.06 -22.42 6.21
CA VAL A 125 1.47 -21.49 5.14
C VAL A 125 1.02 -21.99 3.79
N GLU A 126 0.38 -21.09 3.02
CA GLU A 126 -0.19 -21.41 1.72
C GLU A 126 0.33 -20.48 0.67
N VAL A 127 0.30 -20.95 -0.57
CA VAL A 127 0.66 -20.16 -1.71
C VAL A 127 -0.58 -20.03 -2.55
N ILE A 128 -0.82 -18.81 -3.04
CA ILE A 128 -1.85 -18.53 -4.02
C ILE A 128 -1.08 -17.94 -5.16
N THR A 129 -1.28 -18.46 -6.36
CA THR A 129 -0.71 -17.88 -7.57
C THR A 129 -1.84 -17.16 -8.28
N THR A 130 -1.54 -15.99 -8.81
CA THR A 130 -2.53 -15.19 -9.48
C THR A 130 -2.88 -15.71 -10.87
N ASP A 131 -2.07 -16.61 -11.44
CA ASP A 131 -2.46 -17.09 -12.78
C ASP A 131 -3.73 -17.92 -12.77
N GLY A 132 -4.13 -18.40 -11.60
CA GLY A 132 -5.44 -19.00 -11.44
C GLY A 132 -6.57 -18.03 -11.74
N PHE A 133 -6.27 -16.73 -11.75
CA PHE A 133 -7.26 -15.71 -12.01
C PHE A 133 -7.14 -15.14 -13.41
N LEU A 134 -6.33 -15.77 -14.26
CA LEU A 134 -6.35 -15.46 -15.70
C LEU A 134 -7.71 -15.78 -16.27
N TYR A 135 -8.19 -14.98 -17.20
CA TYR A 135 -9.34 -15.42 -17.98
C TYR A 135 -8.97 -16.70 -18.72
N SER A 136 -9.95 -17.56 -18.96
CA SER A 136 -9.74 -18.77 -19.75
C SER A 136 -9.39 -18.42 -21.19
N ASN A 137 -8.75 -19.36 -21.87
CA ASN A 137 -8.36 -19.16 -23.25
C ASN A 137 -9.54 -18.78 -24.11
N ALA A 138 -10.66 -19.46 -23.94
CA ALA A 138 -11.84 -19.16 -24.73
C ALA A 138 -12.20 -17.69 -24.60
N LYS A 139 -12.24 -17.18 -23.36
CA LYS A 139 -12.55 -15.77 -23.13
C LYS A 139 -11.48 -14.83 -23.69
N LEU A 140 -10.21 -15.19 -23.50
CA LEU A 140 -9.10 -14.38 -24.02
C LEU A 140 -9.16 -14.36 -25.55
N GLU A 141 -9.45 -15.51 -26.14
CA GLU A 141 -9.44 -15.69 -27.58
C GLU A 141 -10.52 -14.80 -28.18
N LYS A 142 -11.70 -14.81 -27.56
CA LYS A 142 -12.81 -13.95 -28.00
C LYS A 142 -12.44 -12.46 -27.99
N GLN A 143 -11.70 -12.02 -26.99
CA GLN A 143 -11.31 -10.60 -26.89
C GLN A 143 -9.99 -10.29 -27.62
N GLY A 144 -9.45 -11.26 -28.34
CA GLY A 144 -8.18 -11.09 -29.03
C GLY A 144 -6.98 -10.89 -28.11
N LEU A 145 -7.00 -11.54 -26.96
CA LEU A 145 -6.00 -11.35 -25.92
C LEU A 145 -5.05 -12.54 -25.66
N MET A 146 -5.11 -13.59 -26.49
CA MET A 146 -4.27 -14.79 -26.27
C MET A 146 -2.77 -14.53 -26.28
N LYS A 147 -2.30 -13.56 -27.06
CA LYS A 147 -0.90 -13.15 -26.98
C LYS A 147 -0.68 -12.11 -25.87
N ARG A 148 -1.62 -11.99 -24.94
CA ARG A 148 -1.53 -11.02 -23.87
C ARG A 148 -1.73 -11.65 -22.49
N LYS A 149 -1.51 -12.96 -22.39
CA LYS A 149 -1.59 -13.64 -21.11
C LYS A 149 -0.50 -13.14 -20.20
N GLY A 150 -0.87 -12.82 -18.97
CA GLY A 150 0.04 -12.16 -18.05
C GLY A 150 -0.13 -10.65 -18.00
N PHE A 151 -0.73 -10.05 -19.02
CA PHE A 151 -0.97 -8.60 -19.02
C PHE A 151 -2.21 -8.27 -18.18
N PRO A 152 -2.36 -7.00 -17.73
CA PRO A 152 -3.46 -6.64 -16.83
C PRO A 152 -4.83 -7.09 -17.33
N GLU A 153 -5.09 -6.85 -18.61
CA GLU A 153 -6.38 -7.15 -19.19
C GLU A 153 -6.67 -8.66 -19.29
N SER A 154 -5.68 -9.52 -19.02
CA SER A 154 -5.88 -10.96 -19.13
C SER A 154 -6.38 -11.60 -17.83
N TYR A 155 -6.47 -10.81 -16.76
CA TYR A 155 -6.89 -11.29 -15.44
C TYR A 155 -8.30 -10.87 -15.06
N ASP A 156 -8.99 -11.77 -14.37
CA ASP A 156 -10.24 -11.47 -13.73
C ASP A 156 -9.91 -10.82 -12.39
N MET A 157 -9.71 -9.51 -12.42
CA MET A 157 -9.33 -8.78 -11.21
C MET A 157 -10.40 -8.78 -10.15
N PRO A 158 -11.68 -8.56 -10.50
CA PRO A 158 -12.72 -8.62 -9.47
C PRO A 158 -12.68 -9.93 -8.68
N SER A 159 -12.40 -11.04 -9.37
CA SER A 159 -12.29 -12.34 -8.74
C SER A 159 -11.07 -12.40 -7.81
N LEU A 160 -9.95 -11.88 -8.24
CA LEU A 160 -8.77 -11.86 -7.39
C LEU A 160 -9.01 -11.04 -6.13
N LEU A 161 -9.55 -9.83 -6.31
CA LEU A 161 -9.82 -8.95 -5.18
C LEU A 161 -10.86 -9.54 -4.26
N ARG A 162 -11.81 -10.28 -4.82
CA ARG A 162 -12.84 -10.92 -4.03
C ARG A 162 -12.21 -11.98 -3.15
N VAL A 163 -11.28 -12.76 -3.71
CA VAL A 163 -10.56 -13.77 -2.94
C VAL A 163 -9.67 -13.16 -1.86
N LEU A 164 -8.92 -12.13 -2.22
CA LEU A 164 -8.06 -11.47 -1.23
C LEU A 164 -8.91 -10.81 -0.13
N ASN A 165 -9.97 -10.12 -0.53
CA ASN A 165 -10.91 -9.57 0.41
C ASN A 165 -11.47 -10.63 1.35
N ALA A 166 -11.85 -11.77 0.80
CA ALA A 166 -12.41 -12.85 1.61
C ALA A 166 -11.41 -13.30 2.69
N ILE A 167 -10.19 -13.56 2.27
CA ILE A 167 -9.14 -14.01 3.16
C ILE A 167 -8.88 -12.99 4.28
N LYS A 168 -8.86 -11.71 3.92
CA LYS A 168 -8.56 -10.63 4.85
C LYS A 168 -9.76 -10.22 5.68
N SER A 169 -10.91 -10.81 5.38
CA SER A 169 -12.13 -10.64 6.16
C SER A 169 -12.31 -11.80 7.12
N GLY A 170 -11.41 -12.77 7.04
CA GLY A 170 -11.43 -13.93 7.93
C GLY A 170 -12.29 -15.06 7.40
N GLN A 171 -12.68 -14.99 6.13
CA GLN A 171 -13.54 -16.02 5.54
C GLN A 171 -12.82 -17.37 5.49
N ARG A 172 -13.53 -18.40 5.93
CA ARG A 172 -13.03 -19.76 5.93
C ARG A 172 -13.18 -20.40 4.56
N ASN A 173 -12.26 -21.31 4.23
CA ASN A 173 -12.40 -22.19 3.07
C ASN A 173 -12.64 -21.41 1.77
N VAL A 174 -11.74 -20.48 1.50
CA VAL A 174 -11.85 -19.66 0.30
C VAL A 174 -11.32 -20.46 -0.88
N ARG A 175 -12.16 -20.55 -1.89
CA ARG A 175 -11.83 -21.28 -3.10
C ARG A 175 -10.91 -20.46 -3.99
N ILE A 176 -9.80 -21.08 -4.40
CA ILE A 176 -8.85 -20.47 -5.31
C ILE A 176 -8.93 -21.18 -6.65
N PRO A 177 -9.18 -20.46 -7.75
CA PRO A 177 -9.13 -21.11 -9.04
C PRO A 177 -7.70 -21.51 -9.43
N VAL A 178 -7.64 -22.43 -10.38
CA VAL A 178 -6.42 -23.14 -10.70
C VAL A 178 -6.10 -23.00 -12.18
N TYR A 179 -4.84 -22.68 -12.45
CA TYR A 179 -4.38 -22.57 -13.82
C TYR A 179 -3.40 -23.70 -14.10
N SER A 180 -3.61 -24.40 -15.20
CA SER A 180 -2.69 -25.44 -15.63
C SER A 180 -1.79 -24.90 -16.71
N HIS A 181 -0.50 -24.79 -16.39
CA HIS A 181 0.52 -24.48 -17.40
C HIS A 181 0.60 -25.60 -18.44
N HIS A 182 0.37 -26.83 -18.00
CA HIS A 182 0.38 -27.98 -18.89
C HIS A 182 -0.67 -27.83 -19.99
N TYR A 183 -1.90 -27.50 -19.61
CA TYR A 183 -2.96 -27.26 -20.59
C TYR A 183 -3.06 -25.78 -21.00
N TYR A 184 -2.22 -24.92 -20.44
CA TYR A 184 -2.16 -23.50 -20.82
C TYR A 184 -3.53 -22.83 -20.67
N ASP A 185 -4.20 -23.10 -19.57
CA ASP A 185 -5.57 -22.66 -19.41
C ASP A 185 -6.05 -22.84 -17.99
N ILE A 186 -7.10 -22.10 -17.67
CA ILE A 186 -7.83 -22.31 -16.45
C ILE A 186 -8.45 -23.69 -16.53
N VAL A 187 -8.39 -24.42 -15.42
CA VAL A 187 -9.01 -25.73 -15.34
C VAL A 187 -10.39 -25.57 -14.69
N ARG A 188 -11.43 -25.66 -15.49
CA ARG A 188 -12.80 -25.48 -15.01
C ARG A 188 -13.10 -26.39 -13.82
N GLY A 189 -13.78 -25.84 -12.81
CA GLY A 189 -14.28 -26.61 -11.66
C GLY A 189 -13.20 -27.15 -10.74
N GLN A 190 -12.03 -26.51 -10.77
CA GLN A 190 -10.90 -26.94 -9.95
C GLN A 190 -10.46 -25.77 -9.08
N TYR A 191 -10.39 -26.04 -7.77
CA TYR A 191 -10.13 -25.04 -6.78
C TYR A 191 -9.22 -25.60 -5.70
N GLU A 192 -8.26 -24.79 -5.27
CA GLU A 192 -7.50 -25.05 -4.06
C GLU A 192 -8.24 -24.38 -2.93
N ILE A 193 -8.11 -24.90 -1.72
CA ILE A 193 -8.75 -24.28 -0.56
C ILE A 193 -7.69 -23.62 0.30
N VAL A 194 -7.90 -22.33 0.52
CA VAL A 194 -7.13 -21.56 1.46
C VAL A 194 -8.06 -21.24 2.62
N ASP A 195 -7.73 -21.79 3.79
CA ASP A 195 -8.57 -21.71 4.97
C ASP A 195 -7.90 -21.00 6.15
N GLN A 196 -7.87 -19.68 6.12
CA GLN A 196 -7.30 -18.86 7.18
C GLN A 196 -6.00 -19.45 7.76
N PRO A 197 -4.98 -19.60 6.89
CA PRO A 197 -3.69 -20.05 7.37
C PRO A 197 -3.02 -18.88 8.06
N ASP A 198 -1.85 -19.10 8.65
CA ASP A 198 -1.16 -17.99 9.30
C ASP A 198 -0.56 -17.02 8.31
N ILE A 199 -0.08 -17.56 7.20
CA ILE A 199 0.58 -16.81 6.16
C ILE A 199 0.09 -17.26 4.78
N VAL A 200 -0.23 -16.29 3.94
CA VAL A 200 -0.43 -16.56 2.53
C VAL A 200 0.72 -15.94 1.74
N ILE A 201 1.32 -16.72 0.86
CA ILE A 201 2.29 -16.18 -0.08
C ILE A 201 1.50 -16.02 -1.37
N LEU A 202 1.30 -14.77 -1.76
CA LEU A 202 0.55 -14.43 -2.94
C LEU A 202 1.57 -14.14 -4.01
N GLU A 203 1.69 -15.04 -4.97
CA GLU A 203 2.66 -14.82 -6.04
C GLU A 203 1.99 -14.53 -7.36
N GLY A 204 2.55 -13.57 -8.07
CA GLY A 204 2.06 -13.22 -9.39
C GLY A 204 2.77 -12.04 -10.00
N LEU A 205 2.74 -12.01 -11.33
CA LEU A 205 3.31 -10.92 -12.15
C LEU A 205 2.76 -9.58 -11.76
N ASN A 206 1.49 -9.57 -11.40
CA ASN A 206 0.66 -8.39 -11.40
C ASN A 206 0.27 -7.87 -10.01
N ILE A 207 0.86 -8.41 -8.95
CA ILE A 207 0.42 -8.07 -7.59
C ILE A 207 0.75 -6.63 -7.13
N LEU A 208 1.65 -5.93 -7.82
CA LEU A 208 2.03 -4.57 -7.43
C LEU A 208 1.35 -3.50 -8.29
N GLN A 209 0.55 -3.96 -9.23
CA GLN A 209 -0.11 -3.06 -10.15
C GLN A 209 -1.35 -2.48 -9.52
N THR A 210 -1.91 -1.46 -10.19
CA THR A 210 -3.18 -0.89 -9.80
C THR A 210 -4.26 -1.36 -10.75
N GLY A 211 -5.51 -1.05 -10.43
CA GLY A 211 -6.65 -1.48 -11.23
C GLY A 211 -6.94 -0.57 -12.42
N VAL A 212 -7.71 -1.10 -13.37
CA VAL A 212 -8.20 -0.31 -14.49
C VAL A 212 -9.38 0.51 -13.98
N ARG A 213 -9.34 1.82 -14.22
CA ARG A 213 -10.42 2.70 -13.79
C ARG A 213 -11.44 2.79 -14.92
N LYS A 214 -12.48 1.97 -14.84
CA LYS A 214 -13.59 1.97 -15.81
C LYS A 214 -14.28 3.33 -15.85
N THR A 215 -14.58 3.83 -14.67
CA THR A 215 -15.02 5.22 -14.47
C THR A 215 -14.10 5.89 -13.45
N LEU A 216 -14.26 7.21 -13.34
CA LEU A 216 -13.50 7.98 -12.37
C LEU A 216 -14.04 7.68 -10.96
N GLN A 217 -15.36 7.47 -10.87
CA GLN A 217 -16.04 7.30 -9.57
C GLN A 217 -16.03 5.87 -9.03
N GLN A 218 -15.65 4.92 -9.87
CA GLN A 218 -15.56 3.51 -9.46
C GLN A 218 -14.57 3.38 -8.30
N LEU A 219 -14.98 2.63 -7.27
CA LEU A 219 -14.15 2.41 -6.10
C LEU A 219 -12.88 1.69 -6.53
N GLN A 220 -11.75 2.04 -5.93
CA GLN A 220 -10.48 1.45 -6.32
C GLN A 220 -9.71 0.94 -5.11
N VAL A 221 -9.41 -0.34 -5.15
CA VAL A 221 -8.46 -0.95 -4.24
C VAL A 221 -7.56 -1.80 -5.07
N PHE A 222 -6.37 -2.02 -4.56
CA PHE A 222 -5.36 -2.72 -5.28
C PHE A 222 -5.05 -4.00 -4.54
N VAL A 223 -4.41 -4.92 -5.24
CA VAL A 223 -3.95 -6.15 -4.62
C VAL A 223 -3.12 -5.86 -3.37
N SER A 224 -2.26 -4.85 -3.44
CA SER A 224 -1.40 -4.47 -2.31
C SER A 224 -2.16 -4.04 -1.07
N ASP A 225 -3.39 -3.57 -1.21
CA ASP A 225 -4.20 -3.23 -0.04
C ASP A 225 -4.58 -4.48 0.77
N PHE A 226 -4.34 -5.66 0.21
CA PHE A 226 -4.66 -6.91 0.85
C PHE A 226 -3.45 -7.73 1.25
N PHE A 227 -2.26 -7.17 1.11
CA PHE A 227 -1.11 -7.85 1.64
C PHE A 227 -0.28 -6.95 2.54
N ASP A 228 0.63 -7.58 3.27
CA ASP A 228 1.36 -6.90 4.35
C ASP A 228 2.80 -6.60 4.02
N PHE A 229 3.39 -7.42 3.15
CA PHE A 229 4.79 -7.34 2.79
C PHE A 229 4.89 -7.84 1.34
N SER A 230 5.71 -7.20 0.52
CA SER A 230 5.98 -7.74 -0.82
C SER A 230 7.47 -7.93 -1.08
N LEU A 231 7.80 -9.01 -1.77
CA LEU A 231 9.15 -9.29 -2.26
C LEU A 231 9.06 -9.12 -3.76
N PHE A 232 10.05 -8.48 -4.34
CA PHE A 232 10.19 -8.47 -5.78
C PHE A 232 11.47 -9.19 -6.12
N VAL A 233 11.35 -10.19 -6.97
CA VAL A 233 12.50 -10.92 -7.49
C VAL A 233 12.93 -10.28 -8.81
N ASP A 234 14.14 -9.73 -8.83
CA ASP A 234 14.66 -8.96 -9.94
C ASP A 234 15.88 -9.69 -10.52
N ALA A 235 16.08 -9.50 -11.81
CA ALA A 235 17.26 -9.98 -12.52
C ALA A 235 17.26 -9.19 -13.79
N GLN A 236 18.40 -9.15 -14.49
CA GLN A 236 18.44 -8.44 -15.75
C GLN A 236 17.61 -9.17 -16.81
N ALA A 237 16.93 -8.39 -17.66
CA ALA A 237 16.03 -8.95 -18.68
C ALA A 237 16.69 -10.05 -19.53
N GLN A 238 17.92 -9.85 -19.97
CA GLN A 238 18.59 -10.87 -20.78
C GLN A 238 18.79 -12.16 -19.99
N VAL A 239 19.01 -12.04 -18.69
CA VAL A 239 19.19 -13.21 -17.83
C VAL A 239 17.89 -14.02 -17.68
N ILE A 240 16.79 -13.32 -17.44
CA ILE A 240 15.49 -13.96 -17.28
C ILE A 240 15.07 -14.63 -18.60
N GLN A 241 15.40 -13.99 -19.72
CA GLN A 241 15.14 -14.58 -21.02
C GLN A 241 15.70 -15.99 -21.09
N LYS A 242 16.98 -16.13 -20.73
CA LYS A 242 17.61 -17.44 -20.79
C LYS A 242 16.94 -18.45 -19.85
N TRP A 243 16.61 -18.02 -18.64
CA TRP A 243 15.86 -18.91 -17.75
C TRP A 243 14.52 -19.32 -18.37
N TYR A 244 13.90 -18.42 -19.11
CA TYR A 244 12.59 -18.71 -19.71
C TYR A 244 12.73 -19.69 -20.84
N ILE A 245 13.65 -19.40 -21.75
CA ILE A 245 13.92 -20.31 -22.84
C ILE A 245 14.30 -21.67 -22.26
N ASP A 246 15.17 -21.69 -21.26
CA ASP A 246 15.56 -22.96 -20.64
C ASP A 246 14.39 -23.69 -19.98
N ARG A 247 13.47 -22.95 -19.37
CA ARG A 247 12.28 -23.58 -18.78
C ARG A 247 11.41 -24.22 -19.87
N VAL A 248 11.18 -23.46 -20.96
CA VAL A 248 10.44 -23.97 -22.11
C VAL A 248 11.12 -25.22 -22.64
N LEU A 249 12.42 -25.12 -22.88
CA LEU A 249 13.19 -26.26 -23.35
C LEU A 249 13.08 -27.47 -22.41
N SER A 250 13.09 -27.23 -21.10
CA SER A 250 13.00 -28.34 -20.14
C SER A 250 11.66 -29.05 -20.28
N PHE A 251 10.60 -28.28 -20.45
CA PHE A 251 9.28 -28.85 -20.74
C PHE A 251 9.23 -29.57 -22.07
N TRP A 252 9.89 -29.01 -23.08
CA TRP A 252 10.02 -29.66 -24.39
C TRP A 252 10.58 -31.08 -24.25
N ARG A 253 11.55 -31.26 -23.34
CA ARG A 253 12.16 -32.57 -23.10
C ARG A 253 11.33 -33.48 -22.21
N THR A 254 10.35 -32.93 -21.48
CA THR A 254 9.55 -33.70 -20.54
C THR A 254 8.04 -33.54 -20.75
N THR A 255 7.47 -32.53 -20.10
CA THR A 255 6.02 -32.30 -20.04
C THR A 255 5.30 -32.26 -21.38
N PHE A 256 5.91 -31.64 -22.38
CA PHE A 256 5.25 -31.42 -23.66
C PHE A 256 5.14 -32.69 -24.52
N LYS A 257 5.72 -33.80 -24.07
CA LYS A 257 5.60 -35.08 -24.77
C LYS A 257 4.20 -35.68 -24.61
N ASP A 258 3.54 -35.38 -23.50
CA ASP A 258 2.12 -35.66 -23.33
C ASP A 258 1.34 -35.17 -24.55
N PRO A 259 0.67 -36.06 -25.30
CA PRO A 259 -0.10 -35.60 -26.46
C PRO A 259 -1.23 -34.62 -26.13
N HIS A 260 -1.63 -34.58 -24.86
CA HIS A 260 -2.69 -33.66 -24.41
C HIS A 260 -2.17 -32.28 -23.98
N SER A 261 -0.85 -32.12 -23.97
CA SER A 261 -0.23 -30.85 -23.61
C SER A 261 -0.58 -29.79 -24.64
N TYR A 262 -0.89 -28.57 -24.19
CA TYR A 262 -1.23 -27.49 -25.12
C TYR A 262 -0.11 -27.30 -26.15
N PHE A 263 1.13 -27.46 -25.69
CA PHE A 263 2.31 -27.19 -26.50
C PHE A 263 2.95 -28.47 -27.03
N HIS A 264 2.15 -29.50 -27.27
CA HIS A 264 2.66 -30.75 -27.78
C HIS A 264 3.25 -30.57 -29.18
N TYR A 265 2.74 -29.59 -29.92
CA TYR A 265 3.20 -29.33 -31.28
C TYR A 265 4.66 -28.87 -31.33
N LEU A 266 5.16 -28.35 -30.21
CA LEU A 266 6.55 -27.94 -30.12
C LEU A 266 7.49 -29.15 -30.11
N THR A 267 6.97 -30.30 -29.71
CA THR A 267 7.76 -31.54 -29.67
C THR A 267 8.17 -32.04 -31.07
N GLN A 268 7.44 -31.57 -32.10
CA GLN A 268 7.77 -31.86 -33.50
C GLN A 268 8.84 -30.90 -34.03
N MET A 269 9.12 -29.83 -33.29
CA MET A 269 10.16 -28.88 -33.68
C MET A 269 11.50 -29.33 -33.10
N SER A 270 12.58 -28.96 -33.79
CA SER A 270 13.93 -29.16 -33.26
C SER A 270 14.20 -28.27 -32.06
N GLU A 271 15.22 -28.61 -31.29
CA GLU A 271 15.60 -27.84 -30.10
C GLU A 271 15.86 -26.38 -30.47
N THR A 272 16.64 -26.18 -31.52
CA THR A 272 16.91 -24.82 -32.02
C THR A 272 15.61 -24.09 -32.35
N GLU A 273 14.64 -24.79 -32.93
CA GLU A 273 13.39 -24.18 -33.34
C GLU A 273 12.51 -23.82 -32.14
N VAL A 274 12.62 -24.59 -31.07
CA VAL A 274 11.89 -24.33 -29.83
C VAL A 274 12.52 -23.15 -29.10
N ALA A 275 13.85 -23.10 -29.10
CA ALA A 275 14.57 -21.96 -28.54
C ALA A 275 14.21 -20.67 -29.25
N ALA A 276 14.21 -20.68 -30.58
CA ALA A 276 13.81 -19.51 -31.37
C ALA A 276 12.36 -19.10 -31.06
N PHE A 277 11.47 -20.07 -31.04
CA PHE A 277 10.07 -19.84 -30.71
C PHE A 277 9.96 -19.33 -29.27
N ALA A 278 10.77 -19.88 -28.39
CA ALA A 278 10.85 -19.41 -27.01
C ALA A 278 11.33 -17.96 -26.94
N LYS A 279 12.44 -17.67 -27.60
CA LYS A 279 12.95 -16.31 -27.73
C LYS A 279 11.90 -15.35 -28.31
N HIS A 280 11.11 -15.81 -29.27
CA HIS A 280 10.08 -14.98 -29.90
C HIS A 280 8.97 -14.63 -28.94
N VAL A 281 8.51 -15.62 -28.18
CA VAL A 281 7.46 -15.42 -27.22
C VAL A 281 7.98 -14.50 -26.11
N TRP A 282 9.23 -14.74 -25.68
CA TRP A 282 9.84 -13.87 -24.71
C TRP A 282 9.81 -12.41 -25.20
N ASN A 283 10.34 -12.16 -26.38
CA ASN A 283 10.50 -10.78 -26.85
C ASN A 283 9.19 -10.01 -27.12
N GLU A 284 8.18 -10.67 -27.67
CA GLU A 284 6.93 -9.99 -28.01
C GLU A 284 5.84 -10.06 -26.94
N ILE A 285 5.94 -11.00 -25.99
CA ILE A 285 4.92 -11.10 -24.94
C ILE A 285 5.53 -10.79 -23.55
N ASN A 286 6.29 -11.71 -22.98
CA ASN A 286 6.71 -11.58 -21.58
C ASN A 286 7.64 -10.40 -21.28
N LYS A 287 8.55 -10.08 -22.18
CA LYS A 287 9.43 -8.95 -22.01
C LYS A 287 8.67 -7.62 -22.09
N VAL A 288 7.66 -7.53 -22.94
CA VAL A 288 6.84 -6.32 -23.05
C VAL A 288 6.07 -6.15 -21.75
N ASN A 289 5.51 -7.27 -21.29
CA ASN A 289 4.79 -7.28 -20.03
C ASN A 289 5.70 -6.85 -18.88
N LEU A 290 6.88 -7.44 -18.82
CA LEU A 290 7.88 -7.03 -17.83
C LEU A 290 8.08 -5.51 -17.86
N MET A 291 8.42 -4.97 -19.03
CA MET A 291 8.80 -3.56 -19.12
C MET A 291 7.63 -2.60 -18.90
N GLU A 292 6.43 -3.01 -19.31
CA GLU A 292 5.28 -2.10 -19.32
C GLU A 292 4.46 -2.21 -18.07
N ASN A 293 4.45 -3.39 -17.47
CA ASN A 293 3.52 -3.71 -16.40
C ASN A 293 4.10 -4.24 -15.12
N ILE A 294 5.32 -4.75 -15.12
CA ILE A 294 5.87 -5.41 -13.95
C ILE A 294 6.96 -4.57 -13.33
N LEU A 295 8.01 -4.30 -14.11
CA LEU A 295 9.16 -3.52 -13.65
C LEU A 295 8.77 -2.17 -13.08
N PRO A 296 7.90 -1.43 -13.77
CA PRO A 296 7.58 -0.12 -13.26
C PRO A 296 7.12 -0.10 -11.79
N TYR A 297 6.58 -1.20 -11.30
CA TYR A 297 6.07 -1.25 -9.94
C TYR A 297 7.03 -1.93 -8.96
N LYS A 298 8.27 -2.13 -9.39
CA LYS A 298 9.29 -2.79 -8.59
C LYS A 298 9.52 -2.12 -7.23
N ASN A 299 9.54 -0.80 -7.22
CA ASN A 299 9.90 -0.03 -6.04
C ASN A 299 8.76 0.11 -5.04
N ARG A 300 7.64 -0.54 -5.30
CA ARG A 300 6.59 -0.67 -4.33
C ARG A 300 6.91 -1.82 -3.38
N ALA A 301 7.80 -2.74 -3.79
CA ALA A 301 8.16 -3.85 -2.92
C ALA A 301 8.85 -3.38 -1.64
N GLN A 302 8.58 -4.06 -0.54
CA GLN A 302 9.30 -3.88 0.70
C GLN A 302 10.69 -4.53 0.64
N LEU A 303 10.83 -5.58 -0.16
CA LEU A 303 12.09 -6.35 -0.22
C LEU A 303 12.36 -6.74 -1.66
N ILE A 304 13.55 -6.41 -2.14
CA ILE A 304 13.96 -6.76 -3.49
C ILE A 304 15.10 -7.74 -3.41
N LEU A 305 14.90 -8.90 -4.01
CA LEU A 305 15.94 -9.90 -4.18
C LEU A 305 16.48 -9.76 -5.57
N GLU A 306 17.75 -9.46 -5.68
CA GLU A 306 18.39 -9.32 -6.97
C GLU A 306 19.23 -10.56 -7.24
N LYS A 307 18.91 -11.25 -8.33
CA LYS A 307 19.54 -12.51 -8.71
C LYS A 307 20.60 -12.31 -9.79
N ALA A 308 21.70 -13.05 -9.66
CA ALA A 308 22.71 -13.17 -10.74
C ALA A 308 22.24 -14.20 -11.77
N ALA A 309 22.96 -14.29 -12.88
CA ALA A 309 22.60 -15.21 -13.99
C ALA A 309 22.42 -16.67 -13.56
N ASP A 310 23.11 -17.08 -12.50
CA ASP A 310 23.04 -18.47 -12.04
C ASP A 310 21.96 -18.65 -10.97
N HIS A 311 21.07 -17.66 -10.85
CA HIS A 311 20.02 -17.60 -9.81
C HIS A 311 20.45 -17.24 -8.37
N SER A 312 21.75 -17.18 -8.10
CA SER A 312 22.19 -16.84 -6.73
C SER A 312 21.75 -15.42 -6.39
N ILE A 313 21.30 -15.20 -5.17
CA ILE A 313 20.95 -13.88 -4.71
C ILE A 313 22.24 -13.11 -4.39
N GLN A 314 22.46 -12.00 -5.09
CA GLN A 314 23.67 -11.21 -4.88
C GLN A 314 23.43 -9.86 -4.20
N LYS A 315 22.18 -9.46 -4.07
CA LYS A 315 21.84 -8.20 -3.44
C LYS A 315 20.44 -8.30 -2.90
N VAL A 316 20.24 -7.84 -1.68
CA VAL A 316 18.90 -7.72 -1.09
C VAL A 316 18.66 -6.27 -0.69
N TYR A 317 17.50 -5.75 -1.07
CA TYR A 317 17.03 -4.45 -0.63
C TYR A 317 15.85 -4.68 0.30
N LEU A 318 15.82 -3.98 1.44
CA LEU A 318 14.77 -4.11 2.43
C LEU A 318 14.39 -2.73 2.91
N ARG A 319 13.11 -2.37 2.77
CA ARG A 319 12.67 -1.04 3.15
C ARG A 319 13.08 -0.79 4.61
N LYS A 320 13.55 0.43 4.86
CA LYS A 320 13.92 0.83 6.21
C LYS A 320 12.64 1.03 6.99
N ILE A 321 12.67 0.63 8.25
CA ILE A 321 11.55 0.83 9.15
C ILE A 321 12.03 1.53 10.42
N ILE B 13 -16.59 -11.27 3.34
CA ILE B 13 -17.55 -10.44 4.13
C ILE B 13 -17.01 -9.02 4.36
N THR B 14 -16.32 -8.78 5.49
CA THR B 14 -15.72 -7.46 5.70
C THR B 14 -14.29 -7.50 6.25
N PRO B 15 -13.40 -6.75 5.60
CA PRO B 15 -12.02 -6.70 6.05
C PRO B 15 -11.80 -5.67 7.16
N TYR B 16 -12.88 -5.11 7.67
CA TYR B 16 -12.81 -4.12 8.74
C TYR B 16 -13.52 -4.56 10.00
N LEU B 17 -12.87 -4.33 11.14
CA LEU B 17 -13.53 -4.25 12.42
C LEU B 17 -14.36 -2.99 12.37
N GLN B 18 -15.56 -3.08 12.91
CA GLN B 18 -16.50 -1.99 12.91
C GLN B 18 -16.88 -1.66 14.33
N PHE B 19 -16.96 -0.37 14.64
CA PHE B 19 -17.37 0.12 15.97
C PHE B 19 -18.39 1.24 15.82
N ASN B 20 -19.52 1.14 16.48
CA ASN B 20 -20.32 2.34 16.72
C ASN B 20 -19.69 3.07 17.92
N ARG B 21 -20.29 4.17 18.33
CA ARG B 21 -19.71 4.96 19.40
C ARG B 21 -19.60 4.19 20.73
N GLN B 22 -20.63 3.43 21.08
CA GLN B 22 -20.59 2.61 22.30
C GLN B 22 -19.42 1.65 22.25
N GLN B 23 -19.28 0.99 21.11
CA GLN B 23 -18.25 -0.04 20.98
C GLN B 23 -16.87 0.58 21.07
N TRP B 24 -16.68 1.73 20.43
CA TRP B 24 -15.41 2.45 20.51
C TRP B 24 -15.06 2.83 21.95
N GLY B 25 -16.08 3.20 22.74
CA GLY B 25 -15.91 3.51 24.16
C GLY B 25 -15.72 2.32 25.09
N ASN B 26 -15.94 1.12 24.57
CA ASN B 26 -15.69 -0.13 25.29
C ASN B 26 -14.21 -0.58 25.28
N PHE B 27 -13.31 0.27 24.75
CA PHE B 27 -11.85 0.00 24.77
C PHE B 27 -11.30 -0.36 26.16
N PRO B 32 -5.73 3.10 31.58
CA PRO B 32 -6.47 4.29 31.98
C PRO B 32 -6.11 5.51 31.15
N LEU B 33 -7.09 6.01 30.39
CA LEU B 33 -6.85 7.05 29.40
C LEU B 33 -7.59 8.33 29.78
N THR B 34 -6.86 9.20 30.48
CA THR B 34 -7.39 10.44 31.00
C THR B 34 -6.55 11.59 30.44
N LEU B 35 -7.22 12.62 29.93
CA LEU B 35 -6.50 13.80 29.44
C LEU B 35 -5.78 14.46 30.60
N THR B 36 -4.55 14.86 30.35
CA THR B 36 -3.72 15.50 31.36
C THR B 36 -3.70 17.00 31.09
N GLU B 37 -3.19 17.76 32.05
CA GLU B 37 -2.99 19.18 31.85
C GLU B 37 -2.07 19.43 30.65
N SER B 38 -1.02 18.62 30.49
CA SER B 38 -0.14 18.73 29.33
C SER B 38 -0.89 18.53 28.02
N ASP B 39 -1.78 17.54 27.95
CA ASP B 39 -2.63 17.32 26.77
C ASP B 39 -3.44 18.58 26.51
N LEU B 40 -4.13 19.03 27.55
CA LEU B 40 -5.00 20.21 27.47
C LEU B 40 -4.25 21.41 26.90
N ASP B 41 -3.04 21.65 27.42
CA ASP B 41 -2.16 22.71 26.89
C ASP B 41 -1.86 22.53 25.38
N LYS B 42 -1.44 21.34 24.98
CA LYS B 42 -1.10 21.06 23.56
C LYS B 42 -2.32 21.16 22.63
N LEU B 43 -3.50 20.86 23.16
CA LEU B 43 -4.75 20.90 22.42
C LEU B 43 -5.39 22.28 22.34
N GLN B 44 -4.83 23.28 23.02
CA GLN B 44 -5.35 24.65 22.99
C GLN B 44 -5.71 25.11 21.58
N GLY B 45 -6.93 25.64 21.43
CA GLY B 45 -7.45 26.08 20.13
C GLY B 45 -8.24 24.98 19.43
N GLN B 46 -7.94 23.74 19.79
CA GLN B 46 -8.53 22.57 19.17
C GLN B 46 -9.63 21.99 20.06
N ILE B 47 -9.39 21.97 21.37
CA ILE B 47 -10.40 21.58 22.36
C ILE B 47 -11.71 22.36 22.19
N GLU B 48 -11.60 23.66 21.93
CA GLU B 48 -12.79 24.48 21.77
C GLU B 48 -13.57 24.10 20.49
N ILE B 49 -12.87 23.64 19.48
CA ILE B 49 -13.52 23.25 18.24
C ILE B 49 -14.10 21.83 18.34
N VAL B 50 -13.30 20.87 18.75
CA VAL B 50 -13.71 19.46 18.76
C VAL B 50 -14.49 19.08 20.03
N SER B 51 -14.29 19.84 21.10
CA SER B 51 -14.93 19.58 22.40
C SER B 51 -14.14 18.54 23.23
N LEU B 52 -14.17 18.72 24.54
CA LEU B 52 -13.51 17.85 25.50
C LEU B 52 -14.03 16.40 25.40
N LYS B 53 -15.34 16.28 25.24
CA LYS B 53 -16.01 15.00 25.17
C LYS B 53 -15.47 14.18 24.03
N GLU B 54 -15.51 14.78 22.85
CA GLU B 54 -15.11 14.10 21.61
C GLU B 54 -13.62 13.74 21.63
N VAL B 55 -12.79 14.65 22.14
CA VAL B 55 -11.36 14.37 22.28
C VAL B 55 -11.15 13.23 23.25
N THR B 56 -11.84 13.27 24.39
CA THR B 56 -11.64 12.25 25.40
C THR B 56 -12.14 10.89 24.91
N GLU B 57 -13.30 10.87 24.28
CA GLU B 57 -13.99 9.62 23.99
C GLU B 57 -13.48 8.99 22.68
N ILE B 58 -13.12 9.80 21.70
CA ILE B 58 -12.70 9.28 20.40
C ILE B 58 -11.20 9.42 20.16
N TYR B 59 -10.68 10.64 20.19
CA TYR B 59 -9.30 10.89 19.74
C TYR B 59 -8.22 10.40 20.68
N LEU B 60 -8.48 10.46 21.98
CA LEU B 60 -7.54 9.91 22.94
C LEU B 60 -7.38 8.40 22.74
N PRO B 61 -8.48 7.62 22.77
CA PRO B 61 -8.28 6.18 22.52
C PRO B 61 -7.79 5.88 21.09
N LEU B 62 -8.18 6.70 20.12
CA LEU B 62 -7.67 6.55 18.78
C LEU B 62 -6.16 6.71 18.82
N SER B 63 -5.67 7.71 19.54
CA SER B 63 -4.24 7.91 19.64
C SER B 63 -3.55 6.72 20.31
N ARG B 64 -4.18 6.15 21.34
CA ARG B 64 -3.63 4.96 21.98
C ARG B 64 -3.59 3.77 21.02
N LEU B 65 -4.63 3.59 20.21
CA LEU B 65 -4.64 2.51 19.22
C LEU B 65 -3.46 2.69 18.30
N LEU B 66 -3.32 3.90 17.76
CA LEU B 66 -2.21 4.22 16.88
C LEU B 66 -0.86 4.02 17.56
N SER B 67 -0.77 4.35 18.84
CA SER B 67 0.47 4.14 19.57
C SER B 67 0.88 2.68 19.48
N PHE B 68 -0.08 1.76 19.56
CA PHE B 68 0.25 0.32 19.44
C PHE B 68 1.01 0.06 18.14
N TYR B 69 0.52 0.65 17.05
CA TYR B 69 1.12 0.44 15.74
C TYR B 69 2.51 1.03 15.67
N VAL B 70 2.68 2.25 16.17
CA VAL B 70 3.98 2.89 16.11
C VAL B 70 5.00 2.13 16.97
N THR B 71 4.63 1.78 18.19
CA THR B 71 5.62 1.14 19.08
C THR B 71 5.91 -0.29 18.60
N ALA B 72 4.93 -0.95 17.99
CA ALA B 72 5.15 -2.25 17.34
C ALA B 72 6.21 -2.16 16.23
N ARG B 73 6.11 -1.11 15.43
CA ARG B 73 7.05 -0.89 14.31
C ARG B 73 8.43 -0.59 14.88
N GLN B 74 8.46 0.17 15.96
CA GLN B 74 9.72 0.43 16.65
C GLN B 74 10.35 -0.84 17.17
N THR B 75 9.54 -1.71 17.78
CA THR B 75 10.07 -2.95 18.31
C THR B 75 10.57 -3.82 17.18
N LEU B 76 9.81 -3.87 16.09
CA LEU B 76 10.18 -4.66 14.90
C LEU B 76 11.52 -4.18 14.32
N GLN B 77 11.62 -2.87 14.16
CA GLN B 77 12.87 -2.24 13.75
C GLN B 77 14.03 -2.71 14.64
N GLN B 78 13.88 -2.57 15.96
CA GLN B 78 14.96 -2.96 16.87
C GLN B 78 15.34 -4.44 16.72
N ALA B 79 14.34 -5.32 16.65
CA ALA B 79 14.61 -6.75 16.59
C ALA B 79 15.21 -7.15 15.23
N THR B 80 14.64 -6.65 14.14
CA THR B 80 15.12 -7.00 12.79
C THR B 80 16.49 -6.43 12.49
N TYR B 81 16.75 -5.21 12.93
CA TYR B 81 18.08 -4.62 12.71
C TYR B 81 19.17 -5.33 13.54
N GLN B 82 18.82 -5.75 14.75
CA GLN B 82 19.73 -6.58 15.55
C GLN B 82 20.04 -7.85 14.72
N PHE B 83 18.99 -8.53 14.25
CA PHE B 83 19.16 -9.76 13.48
C PHE B 83 19.88 -9.53 12.16
N LEU B 84 19.59 -8.44 11.47
CA LEU B 84 20.24 -8.15 10.19
C LEU B 84 21.62 -7.55 10.36
N GLY B 85 22.00 -7.26 11.61
CA GLY B 85 23.28 -6.64 11.88
C GLY B 85 23.41 -5.27 11.24
N LYS B 86 22.38 -4.46 11.38
CA LYS B 86 22.36 -3.12 10.79
C LYS B 86 22.32 -2.06 11.89
N PRO B 87 23.24 -1.08 11.87
CA PRO B 87 23.25 -0.10 12.93
C PRO B 87 22.39 1.12 12.63
N GLU B 88 21.81 1.18 11.43
CA GLU B 88 21.06 2.34 11.02
C GLU B 88 19.89 2.57 11.96
N PRO B 89 19.58 3.84 12.24
CA PRO B 89 18.46 4.10 13.11
C PRO B 89 17.13 3.92 12.38
N LYS B 90 16.06 3.88 13.17
CA LYS B 90 14.73 3.89 12.61
C LYS B 90 14.43 5.15 11.79
N VAL B 91 13.45 5.01 10.93
CA VAL B 91 12.87 6.12 10.22
C VAL B 91 11.48 6.33 10.86
N PRO B 92 10.82 7.46 10.55
CA PRO B 92 9.55 7.77 11.22
C PRO B 92 8.42 6.87 10.76
N TYR B 93 7.49 6.65 11.66
CA TYR B 93 6.24 6.02 11.34
C TYR B 93 5.34 7.11 10.76
N ILE B 94 4.76 6.89 9.59
CA ILE B 94 3.96 7.92 8.94
C ILE B 94 2.52 7.49 8.84
N ILE B 95 1.63 8.33 9.37
CA ILE B 95 0.22 8.07 9.39
C ILE B 95 -0.46 9.02 8.41
N GLY B 96 -1.21 8.48 7.46
CA GLY B 96 -1.88 9.27 6.45
C GLY B 96 -3.26 9.66 6.91
N ILE B 97 -3.66 10.90 6.65
CA ILE B 97 -5.03 11.31 6.90
C ILE B 97 -5.61 11.89 5.63
N ALA B 98 -6.64 11.24 5.11
CA ALA B 98 -7.26 11.62 3.85
C ALA B 98 -8.74 11.91 4.10
N GLY B 99 -9.40 12.47 3.11
CA GLY B 99 -10.80 12.85 3.22
C GLY B 99 -11.06 14.09 2.39
N SER B 100 -12.34 14.40 2.20
CA SER B 100 -12.79 15.55 1.41
C SER B 100 -12.23 16.84 1.94
N VAL B 101 -12.22 17.85 1.08
CA VAL B 101 -12.07 19.22 1.54
C VAL B 101 -13.16 19.47 2.60
N ALA B 102 -12.77 20.08 3.71
CA ALA B 102 -13.70 20.51 4.77
C ALA B 102 -14.29 19.38 5.63
N VAL B 103 -13.75 18.18 5.52
CA VAL B 103 -14.27 17.06 6.28
C VAL B 103 -13.64 17.04 7.68
N GLY B 104 -12.51 17.73 7.83
CA GLY B 104 -11.89 17.87 9.13
C GLY B 104 -10.56 17.19 9.30
N LYS B 105 -9.82 16.99 8.22
CA LYS B 105 -8.55 16.28 8.37
C LYS B 105 -7.44 17.11 9.03
N SER B 106 -7.43 18.41 8.75
CA SER B 106 -6.50 19.32 9.44
C SER B 106 -6.80 19.37 10.94
N THR B 107 -8.07 19.39 11.29
CA THR B 107 -8.45 19.32 12.69
C THR B 107 -8.02 17.99 13.30
N THR B 108 -8.22 16.90 12.58
CA THR B 108 -7.89 15.56 13.08
C THR B 108 -6.38 15.42 13.30
N SER B 109 -5.61 15.91 12.34
CA SER B 109 -4.16 15.77 12.40
C SER B 109 -3.58 16.58 13.57
N ARG B 110 -4.14 17.76 13.85
CA ARG B 110 -3.64 18.55 14.96
C ARG B 110 -3.99 17.90 16.30
N VAL B 111 -5.16 17.28 16.38
CA VAL B 111 -5.56 16.64 17.62
C VAL B 111 -4.68 15.43 17.89
N LEU B 112 -4.49 14.61 16.84
CA LEU B 112 -3.65 13.42 16.92
C LEU B 112 -2.19 13.79 17.16
N LYS B 113 -1.73 14.90 16.61
CA LYS B 113 -0.35 15.33 16.82
C LYS B 113 -0.13 15.62 18.29
N ALA B 114 -1.02 16.38 18.91
CA ALA B 114 -0.94 16.64 20.33
C ALA B 114 -1.02 15.36 21.17
N LEU B 115 -1.98 14.50 20.86
CA LEU B 115 -2.22 13.29 21.65
C LEU B 115 -1.15 12.22 21.44
N LEU B 116 -0.76 11.96 20.20
CA LEU B 116 0.27 10.97 19.95
C LEU B 116 1.57 11.32 20.65
N SER B 117 1.84 12.60 20.85
CA SER B 117 3.10 13.04 21.41
C SER B 117 3.21 12.76 22.91
N ARG B 118 2.08 12.47 23.58
CA ARG B 118 2.09 12.19 25.03
C ARG B 118 2.80 10.90 25.41
N TRP B 119 2.97 9.96 24.48
CA TRP B 119 3.64 8.69 24.78
C TRP B 119 5.14 8.76 24.61
N PRO B 120 5.89 8.34 25.65
CA PRO B 120 7.33 8.55 25.64
C PRO B 120 8.10 7.75 24.59
N ASP B 121 7.49 6.74 23.97
CA ASP B 121 8.13 6.06 22.84
C ASP B 121 8.10 6.88 21.56
N HIS B 122 7.25 7.91 21.51
CA HIS B 122 7.15 8.71 20.30
C HIS B 122 6.66 10.12 20.55
N PRO B 123 7.42 10.89 21.35
CA PRO B 123 6.99 12.24 21.70
C PRO B 123 7.13 13.23 20.56
N ASN B 124 7.91 12.89 19.53
CA ASN B 124 8.17 13.83 18.44
C ASN B 124 7.26 13.54 17.28
N VAL B 125 6.26 14.40 17.11
CA VAL B 125 5.23 14.17 16.12
C VAL B 125 5.08 15.37 15.23
N GLU B 126 5.11 15.14 13.92
CA GLU B 126 5.00 16.24 12.94
C GLU B 126 3.87 16.04 11.99
N VAL B 127 3.30 17.15 11.53
CA VAL B 127 2.23 17.10 10.56
C VAL B 127 2.71 17.70 9.25
N ILE B 128 2.52 16.94 8.17
CA ILE B 128 2.77 17.44 6.82
C ILE B 128 1.43 17.55 6.12
N THR B 129 1.08 18.75 5.66
CA THR B 129 -0.11 18.92 4.85
C THR B 129 0.33 18.85 3.42
N THR B 130 -0.42 18.10 2.62
CA THR B 130 -0.14 17.95 1.22
C THR B 130 -0.39 19.25 0.43
N ASP B 131 -1.19 20.17 1.00
CA ASP B 131 -1.46 21.49 0.41
C ASP B 131 -0.18 22.18 -0.02
N GLY B 132 0.86 22.02 0.78
CA GLY B 132 2.12 22.62 0.52
C GLY B 132 2.75 22.20 -0.79
N PHE B 133 2.30 21.09 -1.35
CA PHE B 133 2.83 20.60 -2.60
C PHE B 133 1.92 20.92 -3.79
N LEU B 134 0.92 21.78 -3.58
CA LEU B 134 0.17 22.36 -4.68
C LEU B 134 1.10 23.21 -5.50
N TYR B 135 0.87 23.27 -6.81
CA TYR B 135 1.54 24.24 -7.66
C TYR B 135 1.03 25.64 -7.28
N SER B 136 1.88 26.64 -7.42
CA SER B 136 1.48 28.01 -7.16
C SER B 136 0.35 28.42 -8.09
N ASN B 137 -0.36 29.48 -7.70
CA ASN B 137 -1.45 29.99 -8.53
C ASN B 137 -0.96 30.36 -9.94
N ALA B 138 0.22 30.98 -10.01
CA ALA B 138 0.78 31.38 -11.30
C ALA B 138 0.98 30.16 -12.22
N LYS B 139 1.52 29.07 -11.69
CA LYS B 139 1.69 27.83 -12.48
C LYS B 139 0.35 27.23 -12.86
N LEU B 140 -0.59 27.20 -11.90
CA LEU B 140 -1.92 26.67 -12.16
C LEU B 140 -2.64 27.48 -13.23
N GLU B 141 -2.43 28.80 -13.22
CA GLU B 141 -3.10 29.67 -14.19
C GLU B 141 -2.62 29.42 -15.60
N LYS B 142 -1.31 29.26 -15.75
CA LYS B 142 -0.70 29.02 -17.07
C LYS B 142 -1.26 27.76 -17.72
N GLN B 143 -1.49 26.74 -16.89
CA GLN B 143 -2.01 25.46 -17.32
C GLN B 143 -3.55 25.39 -17.25
N GLY B 144 -4.20 26.49 -16.89
CA GLY B 144 -5.66 26.56 -16.84
C GLY B 144 -6.30 25.77 -15.71
N LEU B 145 -5.52 25.50 -14.66
CA LEU B 145 -5.92 24.60 -13.60
C LEU B 145 -6.38 25.28 -12.31
N MET B 146 -6.64 26.60 -12.35
CA MET B 146 -7.11 27.30 -11.15
C MET B 146 -8.50 26.86 -10.67
N LYS B 147 -9.27 26.20 -11.53
CA LYS B 147 -10.57 25.65 -11.13
C LYS B 147 -10.41 24.21 -10.66
N ARG B 148 -9.18 23.72 -10.62
CA ARG B 148 -8.89 22.32 -10.34
C ARG B 148 -7.88 22.18 -9.18
N LYS B 149 -7.87 23.16 -8.29
CA LYS B 149 -6.97 23.16 -7.16
C LYS B 149 -7.44 22.04 -6.26
N GLY B 150 -6.53 21.14 -5.88
CA GLY B 150 -6.89 19.98 -5.09
C GLY B 150 -7.05 18.71 -5.92
N PHE B 151 -7.27 18.87 -7.22
CA PHE B 151 -7.31 17.74 -8.15
C PHE B 151 -5.88 17.27 -8.35
N PRO B 152 -5.69 16.02 -8.78
CA PRO B 152 -4.29 15.49 -8.80
C PRO B 152 -3.33 16.32 -9.64
N GLU B 153 -3.82 16.88 -10.74
CA GLU B 153 -2.97 17.62 -11.68
C GLU B 153 -2.48 18.96 -11.11
N SER B 154 -3.00 19.33 -9.94
CA SER B 154 -2.68 20.59 -9.30
C SER B 154 -1.49 20.47 -8.32
N TYR B 155 -1.08 19.24 -8.01
CA TYR B 155 0.03 18.99 -7.09
C TYR B 155 1.35 18.69 -7.81
N ASP B 156 2.42 19.17 -7.18
CA ASP B 156 3.76 18.80 -7.57
C ASP B 156 4.08 17.42 -6.97
N MET B 157 3.71 16.36 -7.67
CA MET B 157 3.86 15.01 -7.13
C MET B 157 5.32 14.60 -6.99
N PRO B 158 6.16 14.93 -7.96
CA PRO B 158 7.55 14.53 -7.75
C PRO B 158 8.14 15.15 -6.47
N SER B 159 7.72 16.37 -6.15
CA SER B 159 8.19 17.03 -4.95
C SER B 159 7.66 16.36 -3.67
N LEU B 160 6.39 15.97 -3.67
CA LEU B 160 5.84 15.29 -2.53
C LEU B 160 6.54 13.94 -2.35
N LEU B 161 6.74 13.19 -3.42
CA LEU B 161 7.35 11.85 -3.29
C LEU B 161 8.81 11.97 -2.86
N ARG B 162 9.49 13.03 -3.29
CA ARG B 162 10.86 13.27 -2.89
C ARG B 162 10.96 13.54 -1.38
N VAL B 163 10.01 14.30 -0.85
CA VAL B 163 9.98 14.57 0.57
C VAL B 163 9.66 13.32 1.38
N LEU B 164 8.64 12.57 0.98
CA LEU B 164 8.35 11.34 1.70
C LEU B 164 9.52 10.37 1.59
N ASN B 165 10.06 10.23 0.38
CA ASN B 165 11.20 9.36 0.18
C ASN B 165 12.33 9.76 1.10
N ALA B 166 12.60 11.05 1.17
CA ALA B 166 13.68 11.54 2.01
C ALA B 166 13.43 11.20 3.48
N ILE B 167 12.19 11.35 3.92
CA ILE B 167 11.86 11.07 5.31
C ILE B 167 12.07 9.57 5.60
N LYS B 168 11.62 8.74 4.67
CA LYS B 168 11.67 7.30 4.83
C LYS B 168 13.03 6.75 4.50
N SER B 169 13.94 7.64 4.09
CA SER B 169 15.33 7.30 3.92
C SER B 169 16.17 7.69 5.14
N GLY B 170 15.57 8.37 6.12
CA GLY B 170 16.29 8.76 7.33
C GLY B 170 16.94 10.12 7.26
N GLN B 171 16.66 10.85 6.17
CA GLN B 171 17.27 12.17 5.93
C GLN B 171 16.88 13.18 7.00
N ARG B 172 17.86 13.98 7.40
CA ARG B 172 17.66 15.00 8.40
C ARG B 172 17.11 16.28 7.77
N ASN B 173 16.39 17.05 8.58
CA ASN B 173 16.00 18.41 8.23
C ASN B 173 15.38 18.54 6.84
N VAL B 174 14.30 17.82 6.61
CA VAL B 174 13.62 17.88 5.32
C VAL B 174 12.72 19.10 5.31
N ARG B 175 12.83 19.86 4.22
CA ARG B 175 12.11 21.10 4.07
C ARG B 175 10.74 20.87 3.44
N ILE B 176 9.69 21.36 4.09
CA ILE B 176 8.33 21.14 3.61
C ILE B 176 7.79 22.47 3.17
N PRO B 177 7.32 22.59 1.92
CA PRO B 177 6.78 23.86 1.45
C PRO B 177 5.46 24.18 2.15
N VAL B 178 5.12 25.45 2.20
CA VAL B 178 4.02 25.94 3.02
C VAL B 178 2.96 26.61 2.13
N TYR B 179 1.71 26.23 2.35
CA TYR B 179 0.56 26.81 1.68
C TYR B 179 -0.26 27.71 2.63
N SER B 180 -0.54 28.93 2.21
CA SER B 180 -1.44 29.83 2.95
C SER B 180 -2.84 29.81 2.37
N HIS B 181 -3.80 29.36 3.17
CA HIS B 181 -5.21 29.43 2.80
C HIS B 181 -5.69 30.87 2.69
N HIS B 182 -5.05 31.75 3.47
CA HIS B 182 -5.38 33.16 3.47
C HIS B 182 -5.05 33.80 2.13
N TYR B 183 -3.86 33.51 1.62
CA TYR B 183 -3.42 34.00 0.32
C TYR B 183 -3.80 33.05 -0.81
N TYR B 184 -4.40 31.91 -0.46
CA TYR B 184 -4.85 30.92 -1.44
C TYR B 184 -3.70 30.57 -2.37
N ASP B 185 -2.53 30.32 -1.79
CA ASP B 185 -1.32 30.12 -2.56
C ASP B 185 -0.16 29.58 -1.71
N ILE B 186 0.82 28.98 -2.39
CA ILE B 186 2.09 28.62 -1.78
C ILE B 186 2.76 29.92 -1.33
N VAL B 187 3.39 29.87 -0.16
CA VAL B 187 4.19 30.97 0.34
C VAL B 187 5.64 30.70 -0.06
N ARG B 188 6.14 31.49 -1.01
CA ARG B 188 7.49 31.36 -1.55
C ARG B 188 8.56 31.51 -0.47
N GLY B 189 9.58 30.66 -0.52
CA GLY B 189 10.72 30.76 0.38
C GLY B 189 10.43 30.37 1.82
N GLN B 190 9.26 29.81 2.06
CA GLN B 190 8.86 29.45 3.40
C GLN B 190 8.75 27.94 3.51
N TYR B 191 9.49 27.36 4.46
CA TYR B 191 9.51 25.91 4.67
C TYR B 191 9.41 25.55 6.14
N GLU B 192 8.66 24.50 6.43
CA GLU B 192 8.67 23.87 7.74
C GLU B 192 9.75 22.78 7.73
N ILE B 193 10.25 22.42 8.89
CA ILE B 193 11.30 21.44 8.96
C ILE B 193 10.81 20.19 9.68
N VAL B 194 10.88 19.07 8.99
CA VAL B 194 10.61 17.75 9.53
C VAL B 194 11.98 17.09 9.70
N ASP B 195 12.31 16.75 10.95
CA ASP B 195 13.64 16.27 11.29
C ASP B 195 13.64 14.93 12.02
N GLN B 196 13.39 13.87 11.26
CA GLN B 196 13.27 12.50 11.78
C GLN B 196 12.51 12.41 13.08
N PRO B 197 11.27 12.91 13.11
CA PRO B 197 10.44 12.75 14.29
C PRO B 197 10.09 11.27 14.41
N ASP B 198 9.36 10.91 15.45
CA ASP B 198 8.97 9.54 15.62
C ASP B 198 7.79 9.24 14.74
N ILE B 199 6.94 10.25 14.53
CA ILE B 199 5.73 10.11 13.76
C ILE B 199 5.55 11.32 12.85
N VAL B 200 5.16 11.04 11.61
CA VAL B 200 4.75 12.08 10.70
C VAL B 200 3.29 11.83 10.40
N ILE B 201 2.45 12.83 10.61
CA ILE B 201 1.06 12.71 10.22
C ILE B 201 0.98 13.42 8.88
N LEU B 202 0.63 12.68 7.84
CA LEU B 202 0.56 13.22 6.49
C LEU B 202 -0.90 13.43 6.11
N GLU B 203 -1.34 14.68 6.05
CA GLU B 203 -2.72 14.96 5.69
C GLU B 203 -2.81 15.60 4.32
N GLY B 204 -3.83 15.20 3.57
CA GLY B 204 -4.19 15.87 2.33
C GLY B 204 -5.22 15.09 1.55
N LEU B 205 -5.85 15.79 0.62
CA LEU B 205 -6.86 15.20 -0.28
C LEU B 205 -6.37 13.91 -0.98
N ASN B 206 -5.11 13.89 -1.37
CA ASN B 206 -4.64 13.03 -2.46
C ASN B 206 -3.77 11.86 -2.04
N ILE B 207 -3.69 11.58 -0.75
CA ILE B 207 -2.65 10.67 -0.27
C ILE B 207 -2.91 9.21 -0.59
N LEU B 208 -4.14 8.87 -0.95
CA LEU B 208 -4.52 7.51 -1.27
C LEU B 208 -4.57 7.26 -2.78
N GLN B 209 -4.28 8.30 -3.56
CA GLN B 209 -4.33 8.21 -5.01
C GLN B 209 -3.07 7.59 -5.57
N THR B 210 -3.08 7.37 -6.87
CA THR B 210 -1.92 6.89 -7.60
C THR B 210 -1.44 8.00 -8.51
N GLY B 211 -0.22 7.84 -9.02
CA GLY B 211 0.36 8.80 -9.96
C GLY B 211 -0.15 8.55 -11.38
N VAL B 212 0.09 9.52 -12.26
CA VAL B 212 -0.28 9.37 -13.65
C VAL B 212 0.84 8.63 -14.40
N ARG B 213 0.49 7.76 -15.35
CA ARG B 213 1.50 7.06 -16.15
C ARG B 213 1.84 7.96 -17.35
N LYS B 214 2.89 8.79 -17.24
CA LYS B 214 3.34 9.53 -18.41
C LYS B 214 3.61 8.54 -19.53
N THR B 215 4.46 7.56 -19.25
CA THR B 215 4.62 6.37 -20.08
C THR B 215 4.30 5.12 -19.25
N LEU B 216 4.07 4.01 -19.95
CA LEU B 216 3.91 2.71 -19.29
C LEU B 216 5.16 2.35 -18.50
N GLN B 217 6.33 2.63 -19.05
CA GLN B 217 7.60 2.18 -18.50
C GLN B 217 8.06 3.00 -17.31
N GLN B 218 7.50 4.21 -17.17
CA GLN B 218 7.86 5.09 -16.08
C GLN B 218 7.70 4.39 -14.73
N LEU B 219 8.70 4.52 -13.85
CA LEU B 219 8.65 3.96 -12.50
C LEU B 219 7.51 4.57 -11.69
N GLN B 220 6.75 3.71 -11.01
CA GLN B 220 5.57 4.13 -10.29
C GLN B 220 5.68 3.80 -8.82
N VAL B 221 5.60 4.84 -8.01
CA VAL B 221 5.42 4.74 -6.57
C VAL B 221 4.28 5.68 -6.19
N PHE B 222 3.53 5.29 -5.17
CA PHE B 222 2.42 6.06 -4.66
C PHE B 222 2.79 6.63 -3.31
N VAL B 223 2.10 7.70 -2.92
CA VAL B 223 2.28 8.28 -1.58
C VAL B 223 2.12 7.20 -0.52
N SER B 224 1.14 6.32 -0.70
CA SER B 224 0.91 5.22 0.23
C SER B 224 2.12 4.29 0.42
N ASP B 225 3.03 4.27 -0.55
CA ASP B 225 4.23 3.45 -0.38
C ASP B 225 5.21 4.06 0.63
N PHE B 226 4.94 5.30 1.07
CA PHE B 226 5.77 5.96 2.07
C PHE B 226 5.10 6.15 3.40
N PHE B 227 3.91 5.61 3.57
CA PHE B 227 3.30 5.63 4.88
C PHE B 227 2.91 4.26 5.36
N ASP B 228 2.65 4.18 6.66
CA ASP B 228 2.46 2.91 7.35
C ASP B 228 1.00 2.61 7.68
N PHE B 229 0.21 3.67 7.80
CA PHE B 229 -1.14 3.56 8.28
C PHE B 229 -1.89 4.76 7.73
N SER B 230 -3.14 4.59 7.39
CA SER B 230 -3.94 5.73 6.92
C SER B 230 -5.32 5.73 7.52
N LEU B 231 -5.78 6.94 7.82
CA LEU B 231 -7.14 7.21 8.28
C LEU B 231 -7.84 7.90 7.14
N PHE B 232 -9.10 7.57 6.91
CA PHE B 232 -9.91 8.33 6.00
C PHE B 232 -11.04 8.93 6.82
N VAL B 233 -11.21 10.25 6.78
CA VAL B 233 -12.32 10.91 7.46
C VAL B 233 -13.47 11.07 6.44
N ASP B 234 -14.65 10.57 6.79
CA ASP B 234 -15.77 10.40 5.86
C ASP B 234 -17.01 11.05 6.42
N ALA B 235 -17.86 11.54 5.55
CA ALA B 235 -19.15 12.04 5.96
C ALA B 235 -19.97 12.19 4.69
N GLN B 236 -21.28 12.31 4.85
CA GLN B 236 -22.16 12.52 3.71
C GLN B 236 -21.72 13.80 2.99
N ALA B 237 -21.73 13.74 1.67
CA ALA B 237 -21.44 14.90 0.81
C ALA B 237 -22.25 16.15 1.21
N GLN B 238 -23.56 16.01 1.44
CA GLN B 238 -24.40 17.16 1.82
C GLN B 238 -23.89 17.77 3.13
N VAL B 239 -23.44 16.90 4.02
CA VAL B 239 -22.93 17.35 5.33
C VAL B 239 -21.63 18.13 5.18
N ILE B 240 -20.71 17.61 4.38
CA ILE B 240 -19.43 18.29 4.16
C ILE B 240 -19.69 19.65 3.49
N GLN B 241 -20.59 19.65 2.49
CA GLN B 241 -21.03 20.87 1.83
C GLN B 241 -21.33 21.94 2.86
N LYS B 242 -22.17 21.61 3.84
CA LYS B 242 -22.50 22.57 4.89
C LYS B 242 -21.27 23.00 5.68
N TRP B 243 -20.38 22.06 6.00
CA TRP B 243 -19.20 22.43 6.76
C TRP B 243 -18.34 23.35 5.93
N TYR B 244 -18.28 23.04 4.64
CA TYR B 244 -17.52 23.86 3.72
C TYR B 244 -18.13 25.25 3.65
N ILE B 245 -19.44 25.34 3.41
CA ILE B 245 -20.09 26.63 3.26
C ILE B 245 -19.95 27.45 4.53
N ASP B 246 -20.11 26.83 5.68
CA ASP B 246 -19.92 27.54 6.93
C ASP B 246 -18.48 28.03 7.10
N ARG B 247 -17.51 27.20 6.78
CA ARG B 247 -16.12 27.61 6.91
C ARG B 247 -15.80 28.86 6.06
N VAL B 248 -16.29 28.89 4.83
CA VAL B 248 -16.12 30.06 3.96
C VAL B 248 -16.89 31.25 4.51
N LEU B 249 -18.14 31.04 4.91
CA LEU B 249 -18.90 32.12 5.55
C LEU B 249 -18.15 32.66 6.75
N SER B 250 -17.61 31.77 7.58
CA SER B 250 -16.83 32.19 8.76
C SER B 250 -15.64 33.09 8.39
N PHE B 251 -14.87 32.69 7.38
CA PHE B 251 -13.79 33.54 6.86
C PHE B 251 -14.32 34.85 6.26
N TRP B 252 -15.47 34.80 5.61
CA TRP B 252 -16.10 35.99 5.05
C TRP B 252 -16.38 37.02 6.15
N ARG B 253 -16.66 36.54 7.36
CA ARG B 253 -16.92 37.42 8.50
C ARG B 253 -15.64 37.84 9.21
N THR B 254 -14.53 37.13 8.99
CA THR B 254 -13.27 37.48 9.66
C THR B 254 -12.06 37.60 8.72
N THR B 255 -11.50 36.47 8.30
CA THR B 255 -10.19 36.48 7.66
C THR B 255 -10.20 37.24 6.32
N PHE B 256 -11.30 37.14 5.57
CA PHE B 256 -11.39 37.77 4.25
C PHE B 256 -11.49 39.29 4.29
N LYS B 257 -11.77 39.87 5.45
CA LYS B 257 -11.81 41.33 5.58
C LYS B 257 -10.44 41.97 5.30
N ASP B 258 -9.38 41.23 5.62
CA ASP B 258 -8.01 41.66 5.35
C ASP B 258 -7.93 42.00 3.86
N PRO B 259 -7.62 43.26 3.53
CA PRO B 259 -7.58 43.65 2.12
C PRO B 259 -6.60 42.84 1.27
N HIS B 260 -5.64 42.18 1.92
CA HIS B 260 -4.66 41.34 1.21
C HIS B 260 -5.05 39.86 1.14
N SER B 261 -6.22 39.52 1.68
CA SER B 261 -6.77 38.18 1.50
C SER B 261 -7.04 37.91 0.02
N TYR B 262 -6.89 36.67 -0.39
CA TYR B 262 -7.10 36.30 -1.78
C TYR B 262 -8.56 36.52 -2.14
N PHE B 263 -9.43 36.14 -1.22
CA PHE B 263 -10.87 36.20 -1.42
C PHE B 263 -11.50 37.48 -0.86
N HIS B 264 -10.73 38.56 -0.76
CA HIS B 264 -11.23 39.81 -0.20
C HIS B 264 -12.44 40.34 -0.97
N TYR B 265 -12.47 40.15 -2.29
CA TYR B 265 -13.61 40.59 -3.11
C TYR B 265 -14.93 39.91 -2.71
N LEU B 266 -14.85 38.75 -2.07
CA LEU B 266 -16.04 38.09 -1.53
C LEU B 266 -16.74 38.95 -0.46
N THR B 267 -15.99 39.77 0.27
CA THR B 267 -16.57 40.73 1.24
C THR B 267 -17.60 41.69 0.62
N GLN B 268 -17.50 41.93 -0.69
CA GLN B 268 -18.47 42.77 -1.39
C GLN B 268 -19.81 42.04 -1.62
N MET B 269 -19.79 40.70 -1.62
CA MET B 269 -21.02 39.92 -1.75
C MET B 269 -21.86 39.94 -0.46
N SER B 270 -23.18 39.86 -0.61
CA SER B 270 -24.08 39.64 0.51
C SER B 270 -23.82 38.28 1.15
N GLU B 271 -24.21 38.14 2.42
CA GLU B 271 -24.08 36.88 3.12
C GLU B 271 -24.69 35.73 2.31
N THR B 272 -25.82 35.99 1.64
CA THR B 272 -26.46 34.96 0.83
C THR B 272 -25.70 34.71 -0.49
N GLU B 273 -25.21 35.78 -1.13
CA GLU B 273 -24.43 35.69 -2.36
C GLU B 273 -23.16 34.82 -2.19
N VAL B 274 -22.41 35.09 -1.12
CA VAL B 274 -21.21 34.33 -0.81
C VAL B 274 -21.55 32.85 -0.51
N ALA B 275 -22.70 32.63 0.13
CA ALA B 275 -23.18 31.27 0.34
C ALA B 275 -23.45 30.59 -1.00
N ALA B 276 -24.16 31.27 -1.88
CA ALA B 276 -24.38 30.77 -3.23
C ALA B 276 -23.05 30.51 -3.94
N PHE B 277 -22.12 31.45 -3.82
CA PHE B 277 -20.77 31.26 -4.37
C PHE B 277 -20.08 30.03 -3.79
N ALA B 278 -20.18 29.86 -2.47
CA ALA B 278 -19.57 28.73 -1.77
C ALA B 278 -20.21 27.41 -2.17
N LYS B 279 -21.53 27.43 -2.32
CA LYS B 279 -22.27 26.26 -2.77
C LYS B 279 -21.81 25.85 -4.16
N HIS B 280 -21.62 26.86 -5.03
CA HIS B 280 -21.17 26.66 -6.39
C HIS B 280 -19.79 26.01 -6.43
N VAL B 281 -18.85 26.60 -5.69
CA VAL B 281 -17.47 26.09 -5.65
C VAL B 281 -17.45 24.63 -5.18
N TRP B 282 -18.16 24.36 -4.10
CA TRP B 282 -18.36 23.00 -3.62
C TRP B 282 -18.89 22.09 -4.73
N ASN B 283 -20.00 22.49 -5.35
CA ASN B 283 -20.67 21.64 -6.31
C ASN B 283 -19.85 21.38 -7.55
N GLU B 284 -19.16 22.41 -8.06
CA GLU B 284 -18.45 22.30 -9.35
C GLU B 284 -16.97 21.95 -9.19
N ILE B 285 -16.41 22.24 -8.03
CA ILE B 285 -15.01 21.96 -7.80
C ILE B 285 -14.83 20.88 -6.73
N ASN B 286 -15.02 21.22 -5.46
CA ASN B 286 -14.65 20.30 -4.38
C ASN B 286 -15.40 18.96 -4.38
N LYS B 287 -16.69 18.99 -4.67
CA LYS B 287 -17.48 17.77 -4.69
C LYS B 287 -17.14 16.85 -5.86
N VAL B 288 -16.74 17.43 -6.97
CA VAL B 288 -16.30 16.65 -8.11
C VAL B 288 -14.98 16.01 -7.75
N ASN B 289 -14.13 16.73 -7.05
CA ASN B 289 -12.87 16.21 -6.58
C ASN B 289 -13.12 15.03 -5.65
N LEU B 290 -14.00 15.25 -4.67
CA LEU B 290 -14.40 14.19 -3.76
C LEU B 290 -14.87 12.96 -4.53
N MET B 291 -15.78 13.14 -5.48
CA MET B 291 -16.39 12.00 -6.16
C MET B 291 -15.42 11.32 -7.12
N GLU B 292 -14.51 12.09 -7.71
CA GLU B 292 -13.63 11.57 -8.77
C GLU B 292 -12.28 11.09 -8.27
N ASN B 293 -11.74 11.73 -7.24
CA ASN B 293 -10.35 11.50 -6.85
C ASN B 293 -10.08 11.11 -5.39
N ILE B 294 -11.05 11.31 -4.51
CA ILE B 294 -10.84 11.10 -3.09
C ILE B 294 -11.60 9.87 -2.65
N LEU B 295 -12.92 9.93 -2.77
CA LEU B 295 -13.82 8.87 -2.30
C LEU B 295 -13.58 7.51 -2.95
N PRO B 296 -13.22 7.47 -4.24
CA PRO B 296 -12.90 6.19 -4.84
C PRO B 296 -11.77 5.42 -4.15
N TYR B 297 -10.91 6.11 -3.44
CA TYR B 297 -9.78 5.46 -2.77
C TYR B 297 -10.02 5.29 -1.27
N LYS B 298 -11.24 5.60 -0.82
CA LYS B 298 -11.57 5.51 0.60
C LYS B 298 -11.21 4.14 1.20
N ASN B 299 -11.51 3.09 0.45
CA ASN B 299 -11.34 1.75 0.96
C ASN B 299 -9.89 1.31 1.00
N ARG B 300 -8.97 2.18 0.61
CA ARG B 300 -7.55 1.87 0.78
C ARG B 300 -7.06 2.16 2.20
N ALA B 301 -7.85 2.91 2.96
CA ALA B 301 -7.49 3.33 4.31
C ALA B 301 -7.56 2.18 5.27
N GLN B 302 -6.68 2.20 6.27
CA GLN B 302 -6.70 1.21 7.34
C GLN B 302 -7.85 1.51 8.32
N LEU B 303 -8.13 2.78 8.50
CA LEU B 303 -9.11 3.22 9.47
C LEU B 303 -10.00 4.27 8.83
N ILE B 304 -11.31 4.09 8.94
CA ILE B 304 -12.22 5.10 8.46
C ILE B 304 -12.99 5.64 9.64
N LEU B 305 -12.94 6.96 9.81
CA LEU B 305 -13.70 7.64 10.82
C LEU B 305 -14.88 8.24 10.10
N GLU B 306 -16.07 7.87 10.53
CA GLU B 306 -17.28 8.31 9.89
C GLU B 306 -17.97 9.33 10.83
N LYS B 307 -18.14 10.55 10.32
CA LYS B 307 -18.68 11.65 11.10
C LYS B 307 -20.16 11.84 10.86
N ALA B 308 -20.90 12.14 11.93
CA ALA B 308 -22.27 12.67 11.81
C ALA B 308 -22.18 14.17 11.52
N ALA B 309 -23.32 14.79 11.21
CA ALA B 309 -23.38 16.20 10.79
C ALA B 309 -22.85 17.19 11.84
N ASP B 310 -22.86 16.79 13.11
CA ASP B 310 -22.31 17.63 14.17
C ASP B 310 -20.82 17.39 14.38
N HIS B 311 -20.18 16.64 13.48
CA HIS B 311 -18.76 16.27 13.52
C HIS B 311 -18.40 15.09 14.44
N SER B 312 -19.33 14.66 15.28
CA SER B 312 -19.04 13.57 16.19
C SER B 312 -18.82 12.29 15.39
N ILE B 313 -17.85 11.49 15.82
CA ILE B 313 -17.59 10.23 15.17
C ILE B 313 -18.68 9.26 15.58
N GLN B 314 -19.34 8.68 14.59
CA GLN B 314 -20.44 7.73 14.83
C GLN B 314 -20.06 6.31 14.43
N LYS B 315 -19.05 6.16 13.59
CA LYS B 315 -18.60 4.85 13.22
C LYS B 315 -17.10 4.86 12.94
N VAL B 316 -16.40 3.83 13.41
CA VAL B 316 -15.00 3.62 13.08
C VAL B 316 -14.82 2.26 12.42
N TYR B 317 -14.14 2.24 11.28
CA TYR B 317 -13.76 1.01 10.60
C TYR B 317 -12.26 0.85 10.78
N LEU B 318 -11.82 -0.34 11.15
CA LEU B 318 -10.39 -0.58 11.29
C LEU B 318 -10.10 -1.90 10.59
N ARG B 319 -9.16 -1.88 9.67
CA ARG B 319 -8.77 -3.10 8.96
C ARG B 319 -8.41 -4.21 9.93
N LYS B 320 -8.93 -5.40 9.67
CA LYS B 320 -8.59 -6.56 10.50
C LYS B 320 -7.13 -6.90 10.28
N ILE B 321 -6.45 -7.30 11.33
CA ILE B 321 -5.08 -7.74 11.22
C ILE B 321 -4.94 -9.11 11.87
PB ADP C . 8.12 -17.82 -12.28
O1B ADP C . 7.30 -18.53 -11.25
O2B ADP C . 8.49 -16.41 -11.87
O3B ADP C . 7.55 -17.88 -13.69
PA ADP C . 9.82 -20.16 -11.81
O1A ADP C . 9.76 -20.22 -10.32
O2A ADP C . 9.07 -21.18 -12.62
O3A ADP C . 9.52 -18.63 -12.33
O5' ADP C . 11.34 -20.38 -12.23
C5' ADP C . 11.78 -20.08 -13.54
C4' ADP C . 12.91 -21.02 -13.93
O4' ADP C . 14.06 -20.71 -13.15
C3' ADP C . 12.54 -22.45 -13.63
O3' ADP C . 13.13 -23.32 -14.60
C2' ADP C . 13.15 -22.72 -12.27
O2' ADP C . 13.50 -24.09 -12.18
C1' ADP C . 14.38 -21.81 -12.28
N9 ADP C . 14.72 -21.25 -10.97
C8 ADP C . 13.92 -20.41 -10.26
N7 ADP C . 14.52 -20.05 -9.11
C5 ADP C . 15.70 -20.66 -9.07
C6 ADP C . 16.82 -20.68 -8.11
N6 ADP C . 16.69 -19.95 -6.97
N1 ADP C . 17.89 -21.43 -8.42
C2 ADP C . 17.97 -22.13 -9.58
N3 ADP C . 16.98 -22.15 -10.52
C4 ADP C . 15.84 -21.45 -10.31
PB ADP D . -9.99 19.90 6.18
O1B ADP D . -8.66 20.04 6.83
O2B ADP D . -10.32 18.48 5.81
O3B ADP D . -10.26 20.86 5.03
PA ADP D . -10.81 21.15 8.58
O1A ADP D . -9.99 20.25 9.48
O2A ADP D . -10.34 22.52 8.22
O3A ADP D . -11.12 20.35 7.22
O5' ADP D . -12.25 21.31 9.21
C5' ADP D . -13.36 21.69 8.42
C4' ADP D . -14.32 22.51 9.27
O4' ADP D . -14.98 21.67 10.21
C3' ADP D . -13.62 23.57 10.07
O3' ADP D . -14.46 24.72 10.14
C2' ADP D . -13.41 22.96 11.44
O2' ADP D . -13.48 23.95 12.46
C1' ADP D . -14.57 22.01 11.54
N9 ADP D . -14.26 20.74 12.25
C8 ADP D . -13.39 19.82 11.82
N7 ADP D . -13.35 18.76 12.68
C5 ADP D . -14.22 19.03 13.65
C6 ADP D . -14.65 18.32 14.85
N6 ADP D . -14.10 17.12 15.13
N1 ADP D . -15.58 18.91 15.62
C2 ADP D . -16.11 20.12 15.32
N3 ADP D . -15.75 20.82 14.22
C4 ADP D . -14.82 20.33 13.37
#